data_6TAA
#
_entry.id   6TAA
#
_cell.length_a   51.040
_cell.length_b   67.183
_cell.length_c   133.560
_cell.angle_alpha   90.00
_cell.angle_beta   90.00
_cell.angle_gamma   90.00
#
_symmetry.space_group_name_H-M   'P 21 21 21'
#
loop_
_entity.id
_entity.type
_entity.pdbx_description
1 polymer ALPHA-AMYLASE
2 non-polymer 'CALCIUM ION'
3 water water
#
_entity_poly.entity_id   1
_entity_poly.type   'polypeptide(L)'
_entity_poly.pdbx_seq_one_letter_code
;ATPADWRSQSIYFLLTDRFARTDGSTTATCNTADQKYCGGTWQGIIDKLDYIQGMGFTAIWITPVTAQLPQTTAYGDAYH
GYWQQDIYSLNENYGTADDLKALSSALHERGMYLMVDVVANHMGYDGAGSSVDYSVFKPFSSQDYFHPFCFIQNYEDQTQ
VEDCWLGDNTVSLPDLDTTKDVVKNEWYDWVGSLVSNYSIDGLRIDTVKHVQKDFWPGYNKAAGVYCIGEVLDGDPAYTC
PYQNVMDGVLNYPIYYPLLNAFKSTSGSMDDLYNMINTVKSDCPDSTLLGTFVENHDNPRFASYTNDIALAKNVAAFIIL
NDGIPIIYAGQEQHYAGGNDPANREATWLSGYPTDSELYKLIASANAIRNYAISKDTGFVTYKNWPIYKDDTTIAMRKGT
DGSQIVTILSNKGASGDSYTLSLSGAGYTAGQQLTEVIGCTTVTVGSDGNVPVPMAGGLPRVLYPTEKLAGSKICSSS
;
_entity_poly.pdbx_strand_id   A
#
loop_
_chem_comp.id
_chem_comp.type
_chem_comp.name
_chem_comp.formula
CA non-polymer 'CALCIUM ION' 'Ca 2'
#
# COMPACT_ATOMS: atom_id res chain seq x y z
N ALA A 1 -5.75 14.64 7.10
CA ALA A 1 -4.60 15.28 6.46
C ALA A 1 -3.47 14.79 7.37
N THR A 2 -3.66 14.75 8.67
CA THR A 2 -2.75 14.42 9.76
C THR A 2 -2.07 13.08 9.96
N PRO A 3 -0.81 12.98 10.24
CA PRO A 3 -0.14 11.70 10.48
C PRO A 3 -0.93 10.88 11.52
N ALA A 4 -1.09 11.51 12.67
CA ALA A 4 -1.89 11.01 13.76
C ALA A 4 -3.23 10.61 13.18
N ASP A 5 -3.79 11.32 12.22
CA ASP A 5 -5.09 10.81 11.75
C ASP A 5 -5.11 9.59 10.77
N TRP A 6 -3.99 9.50 10.04
CA TRP A 6 -3.88 8.47 9.03
C TRP A 6 -3.60 7.15 9.69
N ARG A 7 -3.24 7.11 10.95
CA ARG A 7 -3.00 5.94 11.77
C ARG A 7 -4.14 4.94 11.83
N SER A 8 -5.36 5.41 11.78
CA SER A 8 -6.49 4.46 11.83
C SER A 8 -7.08 4.08 10.49
N GLN A 9 -6.46 4.49 9.37
CA GLN A 9 -6.93 4.24 8.01
C GLN A 9 -6.44 2.87 7.43
N SER A 10 -7.11 2.43 6.39
CA SER A 10 -6.74 1.24 5.58
C SER A 10 -7.08 1.61 4.12
N ILE A 11 -6.06 1.42 3.27
CA ILE A 11 -6.06 1.87 1.87
C ILE A 11 -6.22 0.80 0.82
N TYR A 12 -6.90 1.12 -0.20
CA TYR A 12 -7.14 0.32 -1.45
C TYR A 12 -6.27 1.11 -2.49
N PHE A 13 -5.22 0.52 -2.95
CA PHE A 13 -4.37 1.14 -3.94
C PHE A 13 -4.82 0.71 -5.35
N LEU A 14 -5.19 1.60 -6.26
CA LEU A 14 -5.59 1.23 -7.61
C LEU A 14 -4.83 2.08 -8.67
N LEU A 15 -4.69 1.51 -9.86
CA LEU A 15 -4.08 2.17 -11.02
C LEU A 15 -5.27 2.85 -11.65
N THR A 16 -5.43 4.13 -11.81
CA THR A 16 -6.66 4.69 -12.40
C THR A 16 -7.06 4.06 -13.72
N ASP A 17 -6.04 3.93 -14.52
CA ASP A 17 -6.27 3.38 -15.87
C ASP A 17 -6.91 2.03 -15.84
N ARG A 18 -6.63 1.20 -14.85
CA ARG A 18 -7.07 -0.18 -14.83
C ARG A 18 -8.08 -0.68 -13.83
N PHE A 19 -8.76 0.15 -13.05
CA PHE A 19 -9.72 -0.18 -12.03
C PHE A 19 -11.16 -0.17 -12.56
N ALA A 20 -11.67 0.88 -13.11
CA ALA A 20 -13.05 0.99 -13.55
C ALA A 20 -13.19 2.05 -14.67
N ARG A 21 -13.85 1.65 -15.72
CA ARG A 21 -14.09 2.44 -16.94
C ARG A 21 -15.30 3.31 -16.76
N THR A 22 -15.53 4.31 -17.57
CA THR A 22 -16.79 5.08 -17.32
C THR A 22 -17.97 4.29 -17.84
N ASP A 23 -17.88 3.43 -18.80
CA ASP A 23 -19.12 2.76 -19.30
C ASP A 23 -19.42 1.52 -18.46
N GLY A 24 -18.75 1.45 -17.34
CA GLY A 24 -18.81 0.34 -16.41
C GLY A 24 -18.54 -0.99 -17.08
N SER A 25 -17.86 -0.95 -18.22
CA SER A 25 -17.64 -2.30 -18.78
C SER A 25 -16.90 -3.25 -17.85
N THR A 26 -17.14 -4.56 -18.03
CA THR A 26 -16.40 -5.56 -17.29
C THR A 26 -15.75 -6.52 -18.29
N THR A 27 -15.83 -6.11 -19.58
CA THR A 27 -15.23 -7.03 -20.57
C THR A 27 -14.28 -6.33 -21.56
N ALA A 28 -14.33 -5.05 -21.55
CA ALA A 28 -13.42 -4.33 -22.54
C ALA A 28 -12.07 -4.98 -22.44
N THR A 29 -11.41 -5.32 -23.48
CA THR A 29 -10.10 -5.89 -23.43
C THR A 29 -9.10 -4.92 -22.79
N CYS A 30 -8.20 -5.59 -22.12
CA CYS A 30 -7.05 -4.82 -21.56
C CYS A 30 -5.84 -5.72 -21.65
N ASN A 31 -5.11 -5.75 -22.70
CA ASN A 31 -3.97 -6.67 -22.68
C ASN A 31 -2.76 -6.03 -22.04
N THR A 32 -2.17 -6.65 -21.04
CA THR A 32 -1.08 -5.97 -20.34
C THR A 32 0.17 -5.84 -21.16
N ALA A 33 0.39 -6.85 -21.99
CA ALA A 33 1.64 -6.92 -22.80
C ALA A 33 1.56 -5.69 -23.68
N ASP A 34 0.42 -5.13 -24.06
CA ASP A 34 0.44 -4.04 -24.98
C ASP A 34 0.91 -2.72 -24.40
N GLN A 35 0.72 -2.55 -23.10
CA GLN A 35 1.02 -1.39 -22.30
C GLN A 35 0.37 -0.12 -22.82
N LYS A 36 -0.88 -0.05 -23.18
CA LYS A 36 -1.58 1.13 -23.65
C LYS A 36 -2.68 1.48 -22.67
N TYR A 37 -3.17 2.67 -22.76
CA TYR A 37 -4.37 3.07 -21.97
C TYR A 37 -5.47 2.06 -22.35
N CYS A 38 -6.01 1.53 -21.27
CA CYS A 38 -7.14 0.57 -21.27
C CYS A 38 -8.46 1.27 -21.02
N GLY A 39 -8.36 2.49 -20.56
CA GLY A 39 -9.54 3.32 -20.30
C GLY A 39 -10.08 3.59 -18.95
N GLY A 40 -9.30 3.27 -17.89
CA GLY A 40 -9.96 3.57 -16.57
C GLY A 40 -10.11 5.04 -16.33
N THR A 41 -11.09 5.51 -15.61
CA THR A 41 -11.20 6.95 -15.30
C THR A 41 -11.58 7.31 -13.87
N TRP A 42 -11.51 8.54 -13.45
CA TRP A 42 -11.91 8.88 -12.09
C TRP A 42 -13.44 8.76 -11.84
N GLN A 43 -14.21 8.57 -12.89
CA GLN A 43 -15.68 8.51 -12.83
C GLN A 43 -16.03 7.09 -12.57
N GLY A 44 -15.20 6.23 -13.10
CA GLY A 44 -15.44 4.78 -12.93
C GLY A 44 -15.29 4.49 -11.42
N ILE A 45 -14.30 5.15 -10.88
CA ILE A 45 -13.97 4.95 -9.47
C ILE A 45 -15.16 5.39 -8.60
N ILE A 46 -15.59 6.63 -8.72
CA ILE A 46 -16.72 7.20 -8.04
C ILE A 46 -17.82 6.15 -8.22
N ASP A 47 -18.07 5.60 -9.33
CA ASP A 47 -19.09 4.56 -9.55
C ASP A 47 -18.84 3.24 -8.83
N LYS A 48 -17.71 2.89 -8.31
CA LYS A 48 -17.55 1.55 -7.72
C LYS A 48 -17.15 1.74 -6.28
N LEU A 49 -17.49 2.81 -5.68
CA LEU A 49 -17.17 3.15 -4.31
C LEU A 49 -17.72 2.15 -3.30
N ASP A 50 -18.89 1.61 -3.48
CA ASP A 50 -19.49 0.58 -2.64
C ASP A 50 -18.63 -0.65 -2.69
N TYR A 51 -18.00 -0.97 -3.82
CA TYR A 51 -17.16 -2.17 -3.89
C TYR A 51 -15.94 -2.03 -2.98
N ILE A 52 -15.35 -0.83 -2.97
CA ILE A 52 -14.14 -0.62 -2.16
C ILE A 52 -14.63 -0.70 -0.74
N GLN A 53 -15.44 0.25 -0.39
CA GLN A 53 -16.04 0.44 0.90
C GLN A 53 -16.58 -0.83 1.53
N GLY A 54 -17.20 -1.71 0.76
CA GLY A 54 -17.75 -2.92 1.46
C GLY A 54 -16.63 -3.87 1.86
N MET A 55 -15.37 -3.63 1.49
CA MET A 55 -14.27 -4.49 1.93
C MET A 55 -13.75 -4.01 3.29
N GLY A 56 -14.28 -2.87 3.66
CA GLY A 56 -14.05 -2.18 4.92
C GLY A 56 -13.00 -1.15 4.72
N PHE A 57 -12.59 -0.78 3.51
CA PHE A 57 -11.50 0.19 3.42
C PHE A 57 -11.90 1.58 3.85
N THR A 58 -10.98 2.34 4.30
CA THR A 58 -11.29 3.72 4.70
C THR A 58 -10.66 4.77 3.78
N ALA A 59 -9.80 4.40 2.87
CA ALA A 59 -9.23 5.30 1.86
C ALA A 59 -8.66 4.63 0.63
N ILE A 60 -8.44 5.41 -0.42
CA ILE A 60 -7.82 4.86 -1.66
C ILE A 60 -6.63 5.72 -2.06
N TRP A 61 -5.62 5.12 -2.66
CA TRP A 61 -4.39 5.68 -3.19
C TRP A 61 -4.55 5.46 -4.73
N ILE A 62 -4.40 6.50 -5.52
CA ILE A 62 -4.61 6.47 -7.01
C ILE A 62 -3.30 6.90 -7.65
N THR A 63 -2.99 6.49 -8.82
CA THR A 63 -1.68 6.85 -9.47
C THR A 63 -1.62 8.31 -9.90
N PRO A 64 -0.44 8.87 -10.22
CA PRO A 64 -0.20 10.27 -10.53
C PRO A 64 -1.18 10.80 -11.56
N VAL A 65 -1.51 12.02 -11.30
CA VAL A 65 -2.55 12.84 -11.98
C VAL A 65 -2.09 13.87 -13.02
N THR A 66 -0.82 14.22 -13.08
CA THR A 66 -0.23 15.17 -14.00
C THR A 66 -0.27 14.64 -15.45
N ALA A 67 -0.26 15.61 -16.40
CA ALA A 67 -0.26 15.48 -17.85
C ALA A 67 1.07 14.85 -18.26
N GLN A 68 1.04 13.77 -18.91
CA GLN A 68 2.04 12.84 -19.37
C GLN A 68 2.60 13.13 -20.76
N LEU A 69 3.76 12.63 -21.11
CA LEU A 69 4.24 12.75 -22.52
C LEU A 69 3.08 12.15 -23.32
N PRO A 70 2.68 12.62 -24.48
CA PRO A 70 1.62 12.13 -25.35
C PRO A 70 1.82 10.92 -26.22
N GLN A 71 3.05 10.61 -26.57
CA GLN A 71 3.32 9.52 -27.46
C GLN A 71 3.13 8.17 -26.87
N THR A 72 2.96 7.29 -27.83
CA THR A 72 3.08 5.85 -27.51
C THR A 72 4.56 5.54 -27.69
N THR A 73 5.30 5.31 -26.59
CA THR A 73 6.77 5.05 -26.66
C THR A 73 7.03 3.59 -27.02
N ALA A 74 8.27 3.22 -27.13
CA ALA A 74 8.62 1.82 -27.40
C ALA A 74 8.20 0.89 -26.26
N TYR A 75 8.07 1.48 -25.09
CA TYR A 75 7.61 0.80 -23.90
C TYR A 75 6.15 1.15 -23.66
N GLY A 76 5.31 1.43 -24.59
CA GLY A 76 3.89 1.77 -24.27
C GLY A 76 3.63 3.23 -24.01
N ASP A 77 2.40 3.38 -23.59
CA ASP A 77 1.73 4.63 -23.20
C ASP A 77 2.07 5.02 -21.78
N ALA A 78 1.85 6.22 -21.33
CA ALA A 78 2.09 6.71 -19.99
C ALA A 78 0.83 6.38 -19.19
N TYR A 79 0.20 5.25 -19.36
CA TYR A 79 -1.03 4.91 -18.64
C TYR A 79 -0.78 4.91 -17.10
N HIS A 80 0.38 4.71 -16.52
CA HIS A 80 0.71 4.60 -15.10
C HIS A 80 0.91 5.88 -14.32
N GLY A 81 1.11 6.96 -15.02
CA GLY A 81 1.21 8.38 -14.66
C GLY A 81 2.61 8.67 -14.22
N TYR A 82 3.63 7.82 -14.51
CA TYR A 82 4.92 8.25 -13.92
C TYR A 82 5.90 8.96 -14.85
N TRP A 83 5.41 9.41 -15.98
CA TRP A 83 6.26 10.17 -16.98
C TRP A 83 5.63 11.51 -17.27
N GLN A 84 5.56 12.47 -16.34
CA GLN A 84 4.90 13.78 -16.58
C GLN A 84 5.72 14.75 -17.43
N GLN A 85 5.02 15.62 -18.07
CA GLN A 85 5.70 16.71 -18.82
C GLN A 85 5.21 18.11 -18.41
N ASP A 86 3.94 18.17 -18.05
CA ASP A 86 3.21 19.35 -17.64
C ASP A 86 2.50 19.20 -16.25
N ILE A 87 3.13 19.67 -15.18
CA ILE A 87 2.38 19.54 -13.91
C ILE A 87 1.31 20.56 -13.62
N TYR A 88 0.98 21.53 -14.42
CA TYR A 88 -0.14 22.45 -14.07
C TYR A 88 -1.36 22.11 -14.83
N SER A 89 -1.26 20.95 -15.45
CA SER A 89 -2.35 20.38 -16.31
C SER A 89 -2.59 18.93 -15.96
N LEU A 90 -3.79 18.44 -16.22
CA LEU A 90 -4.14 17.05 -15.87
C LEU A 90 -4.04 16.09 -17.07
N ASN A 91 -3.91 14.82 -16.78
CA ASN A 91 -3.93 13.71 -17.73
C ASN A 91 -5.40 13.60 -18.12
N GLU A 92 -5.67 14.04 -19.31
CA GLU A 92 -7.06 14.08 -19.81
C GLU A 92 -7.62 12.72 -20.00
N ASN A 93 -6.80 11.67 -20.11
CA ASN A 93 -7.36 10.33 -20.22
C ASN A 93 -8.23 9.90 -18.99
N TYR A 94 -7.98 10.39 -17.79
CA TYR A 94 -8.77 9.96 -16.60
C TYR A 94 -10.09 10.75 -16.39
N GLY A 95 -10.12 11.98 -17.00
CA GLY A 95 -11.27 12.87 -16.83
C GLY A 95 -10.85 14.30 -16.83
N THR A 96 -11.51 15.10 -16.08
CA THR A 96 -11.48 16.55 -15.93
C THR A 96 -11.17 17.14 -14.61
N ALA A 97 -10.65 18.29 -14.44
CA ALA A 97 -10.42 18.82 -13.08
C ALA A 97 -11.73 18.78 -12.28
N ASP A 98 -12.83 18.60 -12.96
CA ASP A 98 -14.10 18.55 -12.20
C ASP A 98 -14.29 17.18 -11.58
N ASP A 99 -13.98 16.17 -12.38
CA ASP A 99 -14.07 14.72 -12.10
C ASP A 99 -13.21 14.30 -10.88
N LEU A 100 -12.00 14.80 -10.96
CA LEU A 100 -11.01 14.65 -9.94
C LEU A 100 -11.69 15.35 -8.73
N LYS A 101 -12.70 16.16 -9.06
CA LYS A 101 -13.29 16.97 -7.93
C LYS A 101 -14.41 16.14 -7.30
N ALA A 102 -15.19 15.63 -8.23
CA ALA A 102 -16.30 14.84 -7.72
C ALA A 102 -15.66 13.76 -6.84
N LEU A 103 -14.66 13.03 -7.40
CA LEU A 103 -14.16 11.88 -6.58
C LEU A 103 -13.79 12.21 -5.16
N SER A 104 -12.99 13.21 -4.88
CA SER A 104 -12.52 13.73 -3.62
C SER A 104 -13.70 14.04 -2.67
N SER A 105 -14.79 14.22 -3.39
CA SER A 105 -16.12 14.62 -2.94
C SER A 105 -16.95 13.37 -2.63
N ALA A 106 -16.95 12.39 -3.50
CA ALA A 106 -17.73 11.22 -3.15
C ALA A 106 -17.04 10.55 -1.96
N LEU A 107 -15.72 10.54 -1.97
CA LEU A 107 -14.97 9.95 -0.88
C LEU A 107 -15.31 10.57 0.50
N HIS A 108 -15.11 11.86 0.54
CA HIS A 108 -15.21 12.71 1.73
C HIS A 108 -16.60 12.58 2.32
N GLU A 109 -17.58 12.44 1.46
CA GLU A 109 -18.96 12.30 1.73
C GLU A 109 -19.36 10.97 2.40
N ARG A 110 -18.48 9.98 2.25
CA ARG A 110 -18.65 8.60 2.72
C ARG A 110 -17.78 8.21 3.86
N GLY A 111 -17.02 9.15 4.31
CA GLY A 111 -15.99 9.11 5.39
C GLY A 111 -14.61 8.55 4.96
N MET A 112 -14.30 8.76 3.68
CA MET A 112 -13.08 8.19 3.13
C MET A 112 -12.04 9.21 2.91
N TYR A 113 -10.80 8.83 2.86
CA TYR A 113 -9.76 9.82 2.57
C TYR A 113 -9.25 9.62 1.13
N LEU A 114 -8.80 10.68 0.48
CA LEU A 114 -8.22 10.53 -0.88
C LEU A 114 -6.72 10.76 -0.79
N MET A 115 -5.91 9.79 -1.25
CA MET A 115 -4.41 9.87 -1.22
C MET A 115 -4.01 9.99 -2.71
N VAL A 116 -3.02 10.85 -3.08
CA VAL A 116 -2.72 10.95 -4.54
C VAL A 116 -1.24 10.66 -4.63
N ASP A 117 -0.78 9.91 -5.62
CA ASP A 117 0.66 9.58 -5.78
C ASP A 117 1.38 10.77 -6.46
N VAL A 118 2.60 11.19 -6.08
CA VAL A 118 3.20 12.36 -6.82
C VAL A 118 4.63 12.04 -7.09
N VAL A 119 5.11 12.56 -8.24
CA VAL A 119 6.53 12.46 -8.55
C VAL A 119 7.26 13.80 -8.41
N ALA A 120 8.45 13.86 -7.90
CA ALA A 120 9.27 15.07 -7.90
C ALA A 120 10.65 14.82 -8.48
N ASN A 121 11.11 13.61 -8.55
CA ASN A 121 12.44 13.34 -9.05
C ASN A 121 12.64 13.64 -10.54
N HIS A 122 11.62 13.39 -11.37
CA HIS A 122 11.87 13.48 -12.82
C HIS A 122 10.68 13.72 -13.71
N MET A 123 11.03 14.00 -14.96
CA MET A 123 10.03 14.18 -16.01
C MET A 123 10.13 12.98 -16.96
N GLY A 124 9.23 12.85 -17.93
CA GLY A 124 9.33 11.76 -18.89
C GLY A 124 9.43 12.36 -20.30
N TYR A 125 10.14 11.69 -21.18
CA TYR A 125 10.37 12.10 -22.57
C TYR A 125 10.62 10.91 -23.51
N ASP A 126 10.01 10.86 -24.69
CA ASP A 126 10.15 9.73 -25.63
C ASP A 126 11.43 9.84 -26.43
N GLY A 127 12.57 9.36 -25.94
CA GLY A 127 13.82 9.47 -26.74
C GLY A 127 15.05 9.44 -25.78
N ALA A 128 16.20 9.58 -26.41
CA ALA A 128 17.50 9.50 -25.77
C ALA A 128 17.75 10.73 -24.95
N GLY A 129 18.30 10.57 -23.73
CA GLY A 129 18.37 11.80 -22.86
C GLY A 129 19.12 12.88 -23.60
N SER A 130 19.95 12.46 -24.52
CA SER A 130 20.85 13.32 -25.32
C SER A 130 20.09 14.21 -26.26
N SER A 131 18.93 13.76 -26.74
CA SER A 131 18.19 14.62 -27.67
C SER A 131 16.96 15.27 -27.05
N VAL A 132 16.83 15.37 -25.75
CA VAL A 132 15.61 15.92 -25.15
C VAL A 132 15.31 17.37 -25.52
N ASP A 133 14.05 17.70 -25.63
CA ASP A 133 13.58 19.04 -25.95
C ASP A 133 12.92 19.53 -24.65
N TYR A 134 13.76 20.17 -23.83
CA TYR A 134 13.34 20.65 -22.49
C TYR A 134 12.24 21.67 -22.57
N SER A 135 11.94 22.05 -23.80
CA SER A 135 10.90 23.07 -24.03
C SER A 135 9.53 22.48 -23.90
N VAL A 136 9.55 21.14 -23.83
CA VAL A 136 8.14 20.61 -23.62
C VAL A 136 7.73 20.62 -22.16
N PHE A 137 8.63 20.58 -21.22
CA PHE A 137 8.28 20.49 -19.79
C PHE A 137 7.66 21.75 -19.34
N LYS A 138 6.67 21.65 -18.49
CA LYS A 138 6.00 22.86 -17.93
C LYS A 138 5.83 22.66 -16.42
N PRO A 139 6.51 23.44 -15.61
CA PRO A 139 7.32 24.59 -16.04
C PRO A 139 8.82 24.41 -16.18
N PHE A 140 9.42 23.26 -16.18
CA PHE A 140 10.88 23.13 -16.25
C PHE A 140 11.42 23.02 -17.67
N SER A 141 11.25 24.11 -18.40
CA SER A 141 11.50 24.53 -19.76
C SER A 141 12.95 24.79 -20.21
N SER A 142 13.94 24.52 -19.43
CA SER A 142 15.35 24.64 -19.72
C SER A 142 16.16 23.51 -19.19
N GLN A 143 17.19 23.10 -19.79
CA GLN A 143 17.98 21.99 -19.14
C GLN A 143 18.68 22.55 -17.89
N ASP A 144 18.67 23.85 -17.60
CA ASP A 144 19.30 24.50 -16.47
C ASP A 144 18.58 24.03 -15.18
N TYR A 145 17.34 23.64 -15.30
CA TYR A 145 16.58 23.08 -14.19
C TYR A 145 16.91 21.64 -13.89
N PHE A 146 17.79 20.99 -14.61
CA PHE A 146 18.13 19.57 -14.57
C PHE A 146 19.55 19.10 -14.37
N HIS A 147 19.77 18.04 -13.59
CA HIS A 147 21.12 17.54 -13.41
C HIS A 147 21.64 17.13 -14.79
N PRO A 148 22.90 17.19 -15.09
CA PRO A 148 23.38 16.75 -16.40
C PRO A 148 23.22 15.27 -16.68
N PHE A 149 23.09 14.88 -17.94
CA PHE A 149 22.91 13.54 -18.43
C PHE A 149 24.02 12.55 -18.10
N CYS A 150 23.52 11.55 -17.40
CA CYS A 150 24.21 10.34 -16.94
C CYS A 150 23.04 9.43 -16.48
N PHE A 151 23.33 8.16 -16.48
CA PHE A 151 22.40 7.08 -16.08
C PHE A 151 22.92 6.38 -14.82
N ILE A 152 22.17 5.93 -13.85
CA ILE A 152 22.73 5.25 -12.67
C ILE A 152 23.18 3.82 -13.03
N GLN A 153 24.51 3.71 -12.95
CA GLN A 153 25.16 2.41 -13.31
C GLN A 153 25.36 1.58 -12.05
N ASN A 154 25.66 2.25 -10.94
CA ASN A 154 25.82 1.62 -9.61
C ASN A 154 25.00 2.36 -8.56
N TYR A 155 24.04 1.64 -8.05
CA TYR A 155 23.04 1.98 -7.03
C TYR A 155 23.46 1.91 -5.56
N GLU A 156 24.65 1.25 -5.47
CA GLU A 156 25.30 1.10 -4.13
C GLU A 156 25.97 2.48 -3.96
N ASP A 157 26.09 3.17 -5.11
CA ASP A 157 26.66 4.57 -5.04
C ASP A 157 25.51 5.57 -4.84
N GLN A 158 25.32 6.11 -3.63
CA GLN A 158 24.20 7.00 -3.39
C GLN A 158 24.28 8.38 -4.01
N THR A 159 25.41 8.89 -4.41
CA THR A 159 25.29 10.31 -4.96
C THR A 159 24.83 10.32 -6.43
N GLN A 160 25.27 9.28 -7.17
CA GLN A 160 24.94 8.97 -8.58
C GLN A 160 23.51 8.42 -8.65
N VAL A 161 23.07 7.73 -7.59
CA VAL A 161 21.71 7.22 -7.48
C VAL A 161 20.71 8.39 -7.37
N GLU A 162 21.09 9.50 -6.84
CA GLU A 162 20.32 10.71 -6.68
C GLU A 162 20.47 11.85 -7.67
N ASP A 163 21.60 11.81 -8.33
CA ASP A 163 21.96 12.89 -9.30
C ASP A 163 21.89 12.53 -10.80
N CYS A 164 21.98 11.26 -11.16
CA CYS A 164 21.87 10.75 -12.51
C CYS A 164 20.38 10.42 -12.75
N TRP A 165 20.13 10.08 -14.00
CA TRP A 165 18.84 9.80 -14.53
C TRP A 165 18.45 8.36 -14.42
N LEU A 166 17.20 8.15 -14.11
CA LEU A 166 16.65 6.77 -14.17
C LEU A 166 16.25 6.50 -15.64
N GLY A 167 15.77 5.31 -16.04
CA GLY A 167 15.33 5.22 -17.44
C GLY A 167 16.48 4.91 -18.33
N ASP A 168 16.30 5.13 -19.61
CA ASP A 168 17.34 4.79 -20.62
C ASP A 168 17.27 5.67 -21.85
N ASN A 169 17.89 5.15 -22.85
CA ASN A 169 18.10 5.54 -24.26
C ASN A 169 16.76 5.48 -25.03
N THR A 170 15.82 4.69 -24.49
CA THR A 170 14.51 4.56 -25.10
C THR A 170 13.42 5.46 -24.55
N VAL A 171 13.17 5.40 -23.27
CA VAL A 171 12.35 6.32 -22.54
C VAL A 171 13.27 6.87 -21.47
N SER A 172 13.57 8.13 -21.56
CA SER A 172 14.50 8.85 -20.67
C SER A 172 13.72 9.57 -19.63
N LEU A 173 14.26 9.70 -18.40
CA LEU A 173 13.42 10.45 -17.42
C LEU A 173 14.25 11.64 -16.95
N PRO A 174 14.17 12.81 -17.58
CA PRO A 174 14.98 13.99 -17.20
C PRO A 174 14.97 14.22 -15.68
N ASP A 175 16.13 14.17 -15.10
CA ASP A 175 16.23 14.32 -13.63
C ASP A 175 16.38 15.75 -13.16
N LEU A 176 15.47 16.22 -12.39
CA LEU A 176 15.59 17.54 -11.81
C LEU A 176 16.72 17.65 -10.75
N ASP A 177 17.29 18.87 -10.75
CA ASP A 177 18.30 19.33 -9.75
C ASP A 177 17.53 20.13 -8.69
N THR A 178 17.14 19.27 -7.74
CA THR A 178 16.30 19.69 -6.57
C THR A 178 17.03 20.43 -5.43
N THR A 179 18.35 20.49 -5.63
CA THR A 179 19.42 21.22 -4.97
C THR A 179 19.19 22.71 -5.21
N LYS A 180 18.63 23.09 -6.36
CA LYS A 180 18.48 24.54 -6.58
C LYS A 180 17.15 25.05 -6.13
N ASP A 181 17.34 26.14 -5.39
CA ASP A 181 16.22 26.85 -4.71
C ASP A 181 15.11 27.12 -5.69
N VAL A 182 15.51 27.06 -6.96
CA VAL A 182 14.35 27.30 -7.87
C VAL A 182 13.42 26.05 -7.98
N VAL A 183 14.12 24.93 -8.17
CA VAL A 183 13.46 23.56 -8.40
C VAL A 183 12.47 23.42 -7.22
N LYS A 184 13.15 23.45 -6.05
CA LYS A 184 12.59 23.38 -4.72
C LYS A 184 11.33 24.18 -4.50
N ASN A 185 11.70 25.46 -4.76
CA ASN A 185 10.72 26.57 -4.61
C ASN A 185 9.41 26.24 -5.33
N GLU A 186 9.60 25.99 -6.63
CA GLU A 186 8.40 25.64 -7.46
C GLU A 186 7.65 24.37 -6.96
N TRP A 187 8.50 23.36 -6.70
CA TRP A 187 8.00 22.04 -6.20
C TRP A 187 7.22 22.27 -4.89
N TYR A 188 7.73 23.03 -3.90
CA TYR A 188 7.02 23.25 -2.62
C TYR A 188 5.67 23.95 -2.80
N ASP A 189 5.76 24.87 -3.74
CA ASP A 189 4.62 25.68 -4.12
C ASP A 189 3.49 24.88 -4.69
N TRP A 190 3.92 24.09 -5.69
CA TRP A 190 2.95 23.20 -6.41
C TRP A 190 2.19 22.21 -5.50
N VAL A 191 2.97 21.45 -4.73
CA VAL A 191 2.44 20.37 -3.84
C VAL A 191 1.30 20.93 -3.02
N GLY A 192 1.63 22.01 -2.34
CA GLY A 192 0.72 22.82 -1.52
C GLY A 192 -0.55 23.28 -2.18
N SER A 193 -0.49 23.78 -3.41
CA SER A 193 -1.69 24.24 -4.12
C SER A 193 -2.47 23.07 -4.61
N LEU A 194 -1.77 22.01 -5.03
CA LEU A 194 -2.49 20.79 -5.55
C LEU A 194 -3.43 20.16 -4.53
N VAL A 195 -2.89 20.06 -3.34
CA VAL A 195 -3.57 19.51 -2.14
C VAL A 195 -4.82 20.37 -1.90
N SER A 196 -4.55 21.71 -1.87
CA SER A 196 -5.71 22.61 -1.61
C SER A 196 -6.85 22.47 -2.57
N ASN A 197 -6.47 22.41 -3.82
CA ASN A 197 -7.44 22.41 -4.93
C ASN A 197 -8.26 21.16 -5.09
N TYR A 198 -7.84 20.01 -4.63
CA TYR A 198 -8.78 18.83 -4.94
C TYR A 198 -9.23 18.20 -3.64
N SER A 199 -8.77 18.76 -2.55
CA SER A 199 -8.99 18.38 -1.16
C SER A 199 -8.47 16.96 -0.95
N ILE A 200 -7.16 16.77 -1.00
CA ILE A 200 -6.76 15.34 -0.73
C ILE A 200 -6.15 15.29 0.66
N ASP A 201 -6.23 14.12 1.23
CA ASP A 201 -5.83 13.87 2.59
C ASP A 201 -4.42 13.41 2.76
N GLY A 202 -3.83 12.88 1.68
CA GLY A 202 -2.43 12.42 2.00
C GLY A 202 -1.81 12.28 0.60
N LEU A 203 -0.53 12.15 0.73
CA LEU A 203 0.28 12.00 -0.49
C LEU A 203 1.11 10.73 -0.32
N ARG A 204 1.19 9.99 -1.41
CA ARG A 204 2.10 8.86 -1.60
C ARG A 204 3.19 9.48 -2.52
N ILE A 205 4.46 9.39 -2.16
CA ILE A 205 5.49 10.00 -2.92
C ILE A 205 6.42 9.02 -3.59
N ASP A 206 6.52 9.26 -4.91
CA ASP A 206 7.43 8.31 -5.60
C ASP A 206 8.92 8.64 -5.50
N THR A 207 9.70 7.65 -5.88
CA THR A 207 11.14 7.80 -5.98
C THR A 207 11.78 8.65 -4.94
N VAL A 208 11.37 8.62 -3.69
CA VAL A 208 12.08 9.34 -2.58
C VAL A 208 13.58 9.07 -2.46
N LYS A 209 14.15 7.89 -2.66
CA LYS A 209 15.60 7.70 -2.49
C LYS A 209 16.49 8.33 -3.56
N HIS A 210 15.82 8.93 -4.54
CA HIS A 210 16.44 9.52 -5.71
C HIS A 210 16.59 11.04 -5.48
N VAL A 211 16.00 11.60 -4.52
CA VAL A 211 16.10 13.01 -4.18
C VAL A 211 16.96 13.06 -2.89
N GLN A 212 17.98 13.94 -2.89
CA GLN A 212 18.79 13.99 -1.65
C GLN A 212 17.88 14.32 -0.46
N LYS A 213 18.38 13.77 0.70
CA LYS A 213 17.62 13.84 1.94
C LYS A 213 16.97 15.16 2.32
N ASP A 214 17.86 16.18 2.18
CA ASP A 214 17.39 17.55 2.59
C ASP A 214 16.19 18.10 1.82
N PHE A 215 15.75 17.71 0.60
CA PHE A 215 14.56 18.37 0.00
C PHE A 215 13.28 18.09 0.75
N TRP A 216 13.16 16.86 1.25
CA TRP A 216 11.85 16.41 1.82
C TRP A 216 11.11 17.12 2.91
N PRO A 217 11.83 17.60 3.89
CA PRO A 217 11.15 18.22 5.03
C PRO A 217 10.27 19.32 4.59
N GLY A 218 10.94 20.23 3.82
CA GLY A 218 10.04 21.36 3.32
C GLY A 218 8.96 20.87 2.37
N TYR A 219 9.25 19.69 1.70
CA TYR A 219 8.24 19.15 0.78
C TYR A 219 7.04 18.79 1.59
N ASN A 220 7.39 18.00 2.62
CA ASN A 220 6.36 17.48 3.56
C ASN A 220 5.67 18.63 4.34
N LYS A 221 6.49 19.62 4.75
CA LYS A 221 5.76 20.73 5.46
C LYS A 221 4.86 21.43 4.48
N ALA A 222 5.32 21.69 3.24
CA ALA A 222 4.39 22.44 2.33
C ALA A 222 3.11 21.83 1.93
N ALA A 223 3.27 20.51 1.70
CA ALA A 223 2.08 19.70 1.36
C ALA A 223 0.98 19.90 2.40
N GLY A 224 1.38 19.86 3.68
CA GLY A 224 0.42 20.01 4.80
C GLY A 224 -0.54 18.89 5.21
N VAL A 225 -0.20 17.65 4.84
CA VAL A 225 -1.05 16.49 5.08
C VAL A 225 0.00 15.38 5.20
N TYR A 226 -0.43 14.20 5.58
CA TYR A 226 0.50 13.06 5.71
C TYR A 226 1.11 12.66 4.34
N CYS A 227 2.38 12.44 4.39
CA CYS A 227 3.18 11.96 3.26
C CYS A 227 3.79 10.58 3.59
N ILE A 228 3.52 9.64 2.70
CA ILE A 228 4.16 8.33 2.89
C ILE A 228 5.05 8.14 1.66
N GLY A 229 6.33 7.90 1.79
CA GLY A 229 7.19 7.80 0.63
C GLY A 229 7.71 6.41 0.28
N GLU A 230 7.96 6.28 -1.01
CA GLU A 230 8.56 5.06 -1.55
C GLU A 230 10.10 5.05 -1.50
N VAL A 231 10.71 4.31 -0.63
CA VAL A 231 12.13 4.11 -0.42
C VAL A 231 12.36 2.67 -0.84
N LEU A 232 12.77 2.40 -2.05
CA LEU A 232 12.88 1.02 -2.59
C LEU A 232 14.20 0.39 -2.21
N ASP A 233 14.17 -0.11 -0.96
CA ASP A 233 15.22 -0.78 -0.13
C ASP A 233 14.63 -1.63 1.05
N GLY A 234 15.12 -2.84 1.14
CA GLY A 234 14.70 -3.83 2.15
C GLY A 234 15.46 -3.82 3.44
N ASP A 235 16.56 -3.09 3.45
CA ASP A 235 17.37 -2.89 4.68
C ASP A 235 16.77 -1.81 5.54
N PRO A 236 16.34 -2.05 6.77
CA PRO A 236 15.77 -1.04 7.66
C PRO A 236 16.81 0.02 7.97
N ALA A 237 18.06 -0.52 8.06
CA ALA A 237 19.16 0.45 8.28
C ALA A 237 19.15 1.45 7.13
N TYR A 238 18.79 1.20 5.90
CA TYR A 238 18.81 2.27 4.84
C TYR A 238 17.53 3.05 4.71
N THR A 239 16.41 2.32 4.88
CA THR A 239 15.11 2.97 4.66
C THR A 239 14.46 3.83 5.73
N CYS A 240 14.55 3.33 6.98
CA CYS A 240 13.90 3.87 8.22
C CYS A 240 14.26 5.32 8.56
N PRO A 241 15.53 5.58 8.29
CA PRO A 241 16.06 6.91 8.53
C PRO A 241 15.27 7.86 7.69
N TYR A 242 14.67 7.46 6.53
CA TYR A 242 13.88 8.55 5.83
C TYR A 242 12.77 8.95 6.75
N GLN A 243 12.46 8.11 7.73
CA GLN A 243 11.30 8.56 8.56
C GLN A 243 11.73 9.86 9.27
N ASN A 244 13.06 10.05 9.11
CA ASN A 244 13.46 11.29 9.80
C ASN A 244 13.16 12.43 8.90
N VAL A 245 12.70 12.19 7.70
CA VAL A 245 12.53 13.40 6.83
C VAL A 245 11.17 13.57 6.26
N MET A 246 10.23 12.68 6.49
CA MET A 246 8.81 12.66 6.03
C MET A 246 8.02 11.74 6.97
N ASP A 247 6.74 11.94 7.18
CA ASP A 247 5.95 11.15 8.14
C ASP A 247 6.15 9.64 8.12
N GLY A 248 6.03 9.03 6.94
CA GLY A 248 6.14 7.54 6.86
C GLY A 248 6.76 7.08 5.56
N VAL A 249 7.09 5.84 5.45
CA VAL A 249 7.61 5.18 4.30
C VAL A 249 6.87 3.82 4.25
N LEU A 250 6.98 3.33 3.01
CA LEU A 250 6.25 2.07 2.77
C LEU A 250 7.05 0.96 3.43
N ASN A 251 6.33 0.03 4.05
CA ASN A 251 7.17 -1.01 4.66
C ASN A 251 7.94 -1.96 3.76
N TYR A 252 8.91 -1.53 2.93
CA TYR A 252 9.75 -2.50 2.22
C TYR A 252 10.55 -3.39 3.16
N PRO A 253 11.13 -2.94 4.29
CA PRO A 253 11.82 -3.87 5.16
C PRO A 253 10.94 -5.04 5.56
N ILE A 254 9.66 -4.91 5.89
CA ILE A 254 8.75 -6.01 6.19
C ILE A 254 8.33 -6.81 4.95
N TYR A 255 8.18 -6.22 3.77
CA TYR A 255 7.78 -6.88 2.57
C TYR A 255 8.57 -8.13 2.23
N TYR A 256 9.87 -8.12 2.13
CA TYR A 256 10.69 -9.27 1.81
C TYR A 256 10.47 -10.43 2.80
N PRO A 257 10.62 -10.32 4.10
CA PRO A 257 10.42 -11.53 4.91
C PRO A 257 8.97 -12.07 5.01
N LEU A 258 7.95 -11.20 4.85
CA LEU A 258 6.54 -11.49 4.86
C LEU A 258 6.21 -12.38 3.68
N LEU A 259 6.56 -11.87 2.45
CA LEU A 259 6.44 -12.69 1.22
C LEU A 259 7.11 -14.04 1.36
N ASN A 260 8.34 -14.01 1.92
CA ASN A 260 9.12 -15.25 2.10
C ASN A 260 8.51 -16.20 3.17
N ALA A 261 7.80 -15.64 4.13
CA ALA A 261 7.21 -16.56 5.13
C ALA A 261 5.96 -17.25 4.60
N PHE A 262 5.27 -16.60 3.67
CA PHE A 262 4.01 -17.19 3.24
C PHE A 262 3.96 -17.63 1.80
N LYS A 263 5.10 -17.58 1.13
CA LYS A 263 4.98 -17.93 -0.28
C LYS A 263 5.14 -19.41 -0.57
N SER A 264 5.63 -20.02 0.49
CA SER A 264 5.87 -21.46 0.49
C SER A 264 5.48 -22.09 1.84
N THR A 265 5.22 -23.36 1.86
CA THR A 265 4.90 -24.09 3.10
C THR A 265 6.18 -24.24 3.86
N SER A 266 7.23 -23.76 3.20
CA SER A 266 8.47 -23.90 4.00
C SER A 266 9.03 -22.55 4.33
N GLY A 267 8.28 -21.49 4.11
CA GLY A 267 8.71 -20.09 4.41
C GLY A 267 9.18 -20.03 5.87
N SER A 268 10.12 -19.13 6.11
CA SER A 268 10.74 -18.95 7.40
C SER A 268 9.94 -18.03 8.31
N MET A 269 9.40 -18.51 9.36
CA MET A 269 8.66 -17.62 10.33
C MET A 269 9.66 -16.83 11.16
N ASP A 270 10.85 -17.33 11.44
CA ASP A 270 11.87 -16.58 12.20
C ASP A 270 12.26 -15.23 11.63
N ASP A 271 12.41 -15.30 10.23
CA ASP A 271 12.89 -14.02 9.59
C ASP A 271 11.91 -12.87 9.79
N LEU A 272 10.61 -13.23 9.82
CA LEU A 272 9.53 -12.29 10.00
C LEU A 272 9.44 -11.91 11.45
N TYR A 273 9.34 -12.83 12.40
CA TYR A 273 9.33 -12.41 13.87
C TYR A 273 10.49 -11.48 14.11
N ASN A 274 11.66 -11.94 13.62
CA ASN A 274 12.84 -11.05 13.74
C ASN A 274 12.65 -9.70 13.06
N MET A 275 12.17 -9.63 11.82
CA MET A 275 12.07 -8.30 11.19
C MET A 275 11.06 -7.47 11.88
N ILE A 276 9.95 -7.97 12.39
CA ILE A 276 8.89 -7.22 13.11
C ILE A 276 9.46 -6.46 14.30
N ASN A 277 10.39 -7.04 15.03
CA ASN A 277 11.09 -6.46 16.18
C ASN A 277 12.12 -5.40 15.76
N THR A 278 12.91 -5.66 14.73
CA THR A 278 13.91 -4.72 14.22
C THR A 278 13.29 -3.39 13.83
N VAL A 279 12.22 -3.42 13.08
CA VAL A 279 11.46 -2.24 12.60
C VAL A 279 10.80 -1.65 13.81
N LYS A 280 10.42 -2.55 14.76
CA LYS A 280 9.74 -1.85 15.94
C LYS A 280 10.71 -0.99 16.79
N SER A 281 11.92 -1.44 16.94
CA SER A 281 12.99 -0.82 17.72
C SER A 281 13.79 0.24 16.93
N ASP A 282 14.08 0.01 15.64
CA ASP A 282 14.90 0.93 14.90
C ASP A 282 14.17 1.90 14.05
N CYS A 283 12.88 1.86 13.77
CA CYS A 283 12.24 2.85 12.89
C CYS A 283 11.56 3.80 13.88
N PRO A 284 11.54 5.06 13.51
CA PRO A 284 10.96 6.15 14.33
C PRO A 284 9.58 5.82 14.79
N ASP A 285 8.67 5.50 13.96
CA ASP A 285 7.26 5.21 14.35
C ASP A 285 6.72 4.12 13.37
N SER A 286 6.86 2.89 13.82
CA SER A 286 6.41 1.75 13.01
C SER A 286 4.94 1.92 12.74
N THR A 287 4.28 2.73 13.55
CA THR A 287 2.84 2.95 13.36
C THR A 287 2.45 3.93 12.28
N LEU A 288 3.42 4.33 11.51
CA LEU A 288 3.16 5.27 10.37
C LEU A 288 3.75 4.70 9.07
N LEU A 289 4.15 3.45 9.09
CA LEU A 289 4.64 2.74 7.90
C LEU A 289 3.37 2.20 7.21
N GLY A 290 3.40 1.83 5.94
CA GLY A 290 2.25 1.21 5.22
C GLY A 290 2.58 -0.29 5.00
N THR A 291 1.76 -1.20 5.46
CA THR A 291 2.14 -2.62 5.22
C THR A 291 1.65 -3.10 3.86
N PHE A 292 2.37 -3.95 3.17
CA PHE A 292 1.84 -4.34 1.81
C PHE A 292 2.52 -5.68 1.49
N VAL A 293 1.91 -6.45 0.65
CA VAL A 293 2.55 -7.65 0.13
C VAL A 293 2.39 -7.55 -1.41
N GLU A 294 1.61 -6.60 -1.95
CA GLU A 294 1.55 -6.56 -3.40
C GLU A 294 1.56 -5.13 -3.84
N ASN A 295 2.16 -4.82 -4.97
CA ASN A 295 2.04 -3.48 -5.56
C ASN A 295 2.31 -3.73 -7.08
N HIS A 296 2.37 -2.64 -7.84
CA HIS A 296 2.52 -2.73 -9.31
C HIS A 296 3.98 -2.85 -9.73
N ASP A 297 4.92 -3.06 -8.81
CA ASP A 297 6.32 -3.07 -9.20
C ASP A 297 6.92 -4.44 -8.87
N ASN A 298 6.10 -5.37 -8.43
CA ASN A 298 6.62 -6.66 -7.98
C ASN A 298 5.57 -7.71 -8.47
N PRO A 299 6.02 -8.95 -8.72
CA PRO A 299 5.03 -9.95 -9.01
C PRO A 299 3.98 -10.07 -7.91
N ARG A 300 2.75 -10.28 -8.34
CA ARG A 300 1.69 -10.49 -7.35
C ARG A 300 1.88 -11.77 -6.59
N PHE A 301 1.14 -11.79 -5.49
CA PHE A 301 1.29 -12.93 -4.56
C PHE A 301 1.02 -14.30 -5.23
N ALA A 302 -0.11 -14.41 -5.88
CA ALA A 302 -0.57 -15.66 -6.49
C ALA A 302 0.28 -16.11 -7.66
N SER A 303 1.30 -15.41 -8.07
CA SER A 303 2.28 -15.74 -9.16
C SER A 303 3.29 -16.71 -8.54
N TYR A 304 3.44 -16.56 -7.20
CA TYR A 304 4.34 -17.42 -6.43
C TYR A 304 3.67 -18.72 -5.91
N THR A 305 2.38 -18.67 -5.62
CA THR A 305 1.61 -19.77 -5.10
C THR A 305 0.14 -19.38 -5.36
N ASN A 306 -0.61 -20.37 -5.82
CA ASN A 306 -2.04 -20.36 -6.04
C ASN A 306 -2.76 -20.79 -4.77
N ASP A 307 -2.13 -21.14 -3.65
CA ASP A 307 -2.85 -21.59 -2.41
C ASP A 307 -3.66 -20.47 -1.80
N ILE A 308 -5.00 -20.55 -1.59
CA ILE A 308 -5.76 -19.51 -0.97
C ILE A 308 -5.57 -19.44 0.54
N ALA A 309 -5.11 -20.44 1.20
CA ALA A 309 -4.90 -20.45 2.67
C ALA A 309 -3.72 -19.50 2.89
N LEU A 310 -2.72 -19.79 2.05
CA LEU A 310 -1.56 -18.80 2.16
C LEU A 310 -2.01 -17.38 1.81
N ALA A 311 -2.78 -17.18 0.79
CA ALA A 311 -3.21 -15.82 0.41
C ALA A 311 -3.97 -15.20 1.56
N LYS A 312 -4.90 -16.00 2.14
CA LYS A 312 -5.67 -15.56 3.27
C LYS A 312 -4.75 -15.14 4.43
N ASN A 313 -3.71 -15.86 4.81
CA ASN A 313 -2.77 -15.49 5.86
C ASN A 313 -2.05 -14.15 5.61
N VAL A 314 -1.47 -13.98 4.37
CA VAL A 314 -0.72 -12.68 4.18
C VAL A 314 -1.72 -11.54 4.23
N ALA A 315 -2.96 -11.58 3.78
CA ALA A 315 -3.92 -10.45 3.75
C ALA A 315 -4.23 -10.10 5.20
N ALA A 316 -4.41 -11.10 6.04
CA ALA A 316 -4.74 -10.81 7.46
C ALA A 316 -3.49 -10.26 8.10
N PHE A 317 -2.25 -10.66 7.78
CA PHE A 317 -1.05 -10.01 8.42
C PHE A 317 -1.14 -8.51 8.13
N ILE A 318 -1.30 -8.20 6.81
CA ILE A 318 -1.20 -6.79 6.47
C ILE A 318 -2.26 -5.92 7.12
N ILE A 319 -3.53 -6.30 7.18
CA ILE A 319 -4.51 -5.51 7.90
C ILE A 319 -4.25 -5.34 9.41
N LEU A 320 -3.63 -6.29 10.13
CA LEU A 320 -3.44 -6.33 11.56
C LEU A 320 -2.10 -5.97 12.07
N ASN A 321 -1.13 -5.74 11.27
CA ASN A 321 0.27 -5.34 11.67
C ASN A 321 0.22 -3.86 12.07
N ASP A 322 1.38 -3.45 12.64
CA ASP A 322 1.38 -1.97 12.90
C ASP A 322 1.35 -1.14 11.59
N GLY A 323 0.82 0.05 11.52
CA GLY A 323 0.88 0.90 10.30
C GLY A 323 -0.46 0.89 9.64
N ILE A 324 -0.46 1.42 8.43
CA ILE A 324 -1.58 1.54 7.52
C ILE A 324 -1.58 0.33 6.56
N PRO A 325 -2.58 -0.55 6.62
CA PRO A 325 -2.74 -1.69 5.71
C PRO A 325 -2.86 -1.29 4.24
N ILE A 326 -2.20 -1.76 3.22
CA ILE A 326 -2.46 -1.37 1.82
C ILE A 326 -2.67 -2.65 0.97
N ILE A 327 -3.74 -2.73 0.32
CA ILE A 327 -4.04 -3.85 -0.54
C ILE A 327 -4.10 -3.31 -1.99
N TYR A 328 -3.47 -4.04 -2.88
CA TYR A 328 -3.36 -3.58 -4.30
C TYR A 328 -4.53 -4.07 -5.10
N ALA A 329 -5.46 -3.41 -5.75
CA ALA A 329 -6.53 -3.82 -6.62
C ALA A 329 -6.14 -5.06 -7.45
N GLY A 330 -6.92 -6.16 -7.38
CA GLY A 330 -6.58 -7.43 -8.03
C GLY A 330 -6.18 -8.42 -6.93
N GLN A 331 -5.57 -8.02 -5.87
CA GLN A 331 -5.16 -8.97 -4.77
C GLN A 331 -6.37 -9.77 -4.22
N GLU A 332 -7.46 -9.01 -4.09
CA GLU A 332 -8.73 -9.47 -3.52
C GLU A 332 -9.41 -10.40 -4.51
N GLN A 333 -9.05 -10.33 -5.73
CA GLN A 333 -9.61 -11.27 -6.70
C GLN A 333 -8.52 -12.34 -7.01
N HIS A 334 -7.44 -12.40 -6.24
CA HIS A 334 -6.41 -13.41 -6.42
C HIS A 334 -5.66 -13.41 -7.75
N TYR A 335 -5.46 -12.26 -8.33
CA TYR A 335 -4.75 -12.05 -9.62
C TYR A 335 -3.32 -12.54 -9.48
N ALA A 336 -2.79 -13.03 -10.56
CA ALA A 336 -1.50 -13.67 -10.52
C ALA A 336 -0.52 -13.19 -11.57
N GLY A 337 -0.61 -11.94 -11.93
CA GLY A 337 0.34 -11.38 -12.92
C GLY A 337 1.76 -11.38 -12.48
N GLY A 338 2.78 -11.49 -13.34
CA GLY A 338 4.18 -11.51 -12.78
C GLY A 338 4.70 -10.10 -12.86
N ASN A 339 6.00 -9.97 -13.17
CA ASN A 339 6.52 -8.57 -13.22
C ASN A 339 5.87 -7.69 -14.29
N ASP A 340 6.07 -6.43 -14.02
CA ASP A 340 5.61 -5.35 -14.87
C ASP A 340 5.99 -5.70 -16.34
N PRO A 341 5.05 -5.57 -17.27
CA PRO A 341 3.68 -5.13 -17.06
C PRO A 341 2.59 -6.15 -16.73
N ALA A 342 2.91 -7.35 -16.48
CA ALA A 342 1.94 -8.39 -16.20
C ALA A 342 1.21 -8.11 -14.88
N ASN A 343 1.83 -7.38 -13.92
CA ASN A 343 1.08 -7.14 -12.65
C ASN A 343 0.20 -5.88 -12.70
N ARG A 344 -0.22 -5.39 -13.85
CA ARG A 344 -1.11 -4.22 -13.94
C ARG A 344 -2.46 -4.54 -14.67
N GLU A 345 -3.05 -5.66 -14.31
CA GLU A 345 -4.31 -6.19 -14.83
C GLU A 345 -5.46 -5.28 -14.47
N ALA A 346 -6.41 -5.28 -15.40
CA ALA A 346 -7.64 -4.46 -15.11
C ALA A 346 -8.56 -5.23 -14.09
N THR A 347 -8.91 -4.54 -13.05
CA THR A 347 -9.77 -5.03 -12.02
C THR A 347 -11.15 -5.36 -12.56
N TRP A 348 -11.74 -4.62 -13.45
CA TRP A 348 -13.07 -4.82 -14.07
C TRP A 348 -13.23 -6.22 -14.67
N LEU A 349 -12.17 -6.77 -15.29
CA LEU A 349 -12.24 -8.06 -15.91
C LEU A 349 -12.64 -9.12 -14.89
N SER A 350 -12.50 -8.89 -13.57
CA SER A 350 -12.88 -10.03 -12.68
C SER A 350 -14.40 -9.95 -12.58
N GLY A 351 -15.05 -8.86 -12.83
CA GLY A 351 -16.52 -8.73 -12.67
C GLY A 351 -16.84 -8.07 -11.31
N TYR A 352 -15.78 -7.85 -10.52
CA TYR A 352 -16.08 -7.25 -9.20
C TYR A 352 -17.04 -8.03 -8.27
N PRO A 353 -16.81 -9.32 -8.16
CA PRO A 353 -17.54 -10.18 -7.23
C PRO A 353 -17.20 -9.86 -5.78
N THR A 354 -18.19 -9.66 -4.93
CA THR A 354 -18.14 -9.37 -3.50
C THR A 354 -18.32 -10.69 -2.72
N ASP A 355 -18.34 -11.77 -3.42
CA ASP A 355 -18.40 -13.08 -2.81
C ASP A 355 -17.11 -13.87 -3.11
N SER A 356 -16.08 -13.14 -3.45
CA SER A 356 -14.78 -13.82 -3.66
C SER A 356 -14.27 -14.17 -2.22
N GLU A 357 -13.47 -15.22 -2.11
CA GLU A 357 -12.84 -15.68 -0.91
C GLU A 357 -11.96 -14.62 -0.27
N LEU A 358 -11.13 -13.91 -0.95
CA LEU A 358 -10.22 -12.91 -0.39
C LEU A 358 -11.08 -11.70 -0.14
N TYR A 359 -12.13 -11.50 -0.91
CA TYR A 359 -12.98 -10.32 -0.63
C TYR A 359 -13.52 -10.50 0.81
N LYS A 360 -14.13 -11.64 1.03
CA LYS A 360 -14.70 -11.93 2.34
C LYS A 360 -13.65 -11.93 3.47
N LEU A 361 -12.50 -12.57 3.26
CA LEU A 361 -11.46 -12.52 4.31
C LEU A 361 -11.09 -11.04 4.66
N ILE A 362 -10.83 -10.25 3.68
CA ILE A 362 -10.39 -8.89 3.82
C ILE A 362 -11.49 -8.08 4.54
N ALA A 363 -12.73 -8.38 4.16
CA ALA A 363 -13.82 -7.63 4.70
C ALA A 363 -13.90 -7.95 6.21
N SER A 364 -13.79 -9.24 6.50
CA SER A 364 -13.99 -9.58 7.97
C SER A 364 -12.80 -9.24 8.77
N ALA A 365 -11.57 -8.98 8.25
CA ALA A 365 -10.42 -8.55 9.00
C ALA A 365 -10.43 -7.01 9.20
N ASN A 366 -10.96 -6.28 8.23
CA ASN A 366 -11.08 -4.83 8.29
C ASN A 366 -12.17 -4.51 9.37
N ALA A 367 -13.17 -5.36 9.36
CA ALA A 367 -14.25 -5.26 10.35
C ALA A 367 -13.72 -5.23 11.76
N ILE A 368 -12.95 -6.20 12.10
CA ILE A 368 -12.48 -6.24 13.51
C ILE A 368 -11.57 -5.09 13.82
N ARG A 369 -10.66 -4.89 12.86
CA ARG A 369 -9.70 -3.79 13.02
C ARG A 369 -10.59 -2.56 13.16
N ASN A 370 -11.49 -2.30 12.28
CA ASN A 370 -12.25 -0.99 12.38
C ASN A 370 -12.84 -0.87 13.77
N TYR A 371 -13.57 -1.90 14.24
CA TYR A 371 -14.19 -1.82 15.62
C TYR A 371 -13.23 -1.74 16.78
N ALA A 372 -12.20 -2.57 16.81
CA ALA A 372 -11.27 -2.48 17.93
C ALA A 372 -10.92 -1.01 18.09
N ILE A 373 -10.63 -0.36 16.89
CA ILE A 373 -10.15 1.03 17.12
C ILE A 373 -11.29 1.94 17.60
N SER A 374 -12.51 1.55 17.41
CA SER A 374 -13.68 2.28 17.92
C SER A 374 -13.61 2.33 19.45
N LYS A 375 -13.21 1.23 20.03
CA LYS A 375 -13.19 0.98 21.44
C LYS A 375 -11.81 0.97 22.09
N ASP A 376 -10.70 0.97 21.44
CA ASP A 376 -9.38 1.02 22.05
C ASP A 376 -8.54 2.10 21.33
N THR A 377 -8.63 3.29 21.99
CA THR A 377 -7.89 4.46 21.51
C THR A 377 -6.40 4.11 21.57
N GLY A 378 -5.99 3.03 22.15
CA GLY A 378 -4.57 2.73 22.24
C GLY A 378 -4.13 1.79 21.11
N PHE A 379 -5.13 1.22 20.50
CA PHE A 379 -4.77 0.25 19.44
C PHE A 379 -3.79 0.83 18.39
N VAL A 380 -4.22 1.88 17.71
CA VAL A 380 -3.21 2.36 16.69
C VAL A 380 -1.84 2.64 17.29
N THR A 381 -1.65 2.84 18.61
CA THR A 381 -0.27 3.17 19.05
C THR A 381 0.33 2.02 19.84
N TYR A 382 -0.48 0.99 20.08
CA TYR A 382 0.16 -0.17 20.77
C TYR A 382 1.03 -0.88 19.78
N LYS A 383 2.28 -1.14 20.05
CA LYS A 383 3.17 -1.80 19.08
C LYS A 383 3.01 -3.30 18.93
N ASN A 384 2.67 -3.74 17.72
CA ASN A 384 2.56 -5.18 17.51
C ASN A 384 3.71 -5.92 18.13
N TRP A 385 3.41 -7.05 18.73
CA TRP A 385 4.35 -7.92 19.41
C TRP A 385 4.08 -9.39 19.12
N PRO A 386 5.08 -10.01 18.51
CA PRO A 386 5.02 -11.42 18.25
C PRO A 386 5.13 -12.12 19.59
N ILE A 387 4.10 -12.87 19.98
CA ILE A 387 4.19 -13.52 21.31
C ILE A 387 4.61 -14.97 21.09
N TYR A 388 4.54 -15.49 19.87
CA TYR A 388 4.82 -16.91 19.69
C TYR A 388 5.27 -17.21 18.28
N LYS A 389 6.04 -18.27 18.09
CA LYS A 389 6.45 -18.63 16.74
C LYS A 389 6.81 -20.08 16.67
N ASP A 390 6.53 -20.87 15.67
CA ASP A 390 6.93 -22.31 15.56
C ASP A 390 7.36 -22.44 14.10
N ASP A 391 7.79 -23.59 13.65
CA ASP A 391 8.17 -23.57 12.23
C ASP A 391 7.04 -23.31 11.26
N THR A 392 5.78 -23.47 11.65
CA THR A 392 4.75 -23.10 10.67
C THR A 392 3.77 -22.06 11.23
N THR A 393 4.16 -21.42 12.36
CA THR A 393 3.17 -20.51 12.95
C THR A 393 3.73 -19.23 13.47
N ILE A 394 3.05 -18.11 13.40
CA ILE A 394 3.52 -16.98 14.18
C ILE A 394 2.27 -16.40 14.85
N ALA A 395 2.34 -15.83 16.02
CA ALA A 395 1.08 -15.24 16.58
C ALA A 395 1.51 -13.92 17.19
N MET A 396 0.71 -12.91 17.03
CA MET A 396 1.04 -11.53 17.49
C MET A 396 0.06 -10.86 18.40
N ARG A 397 0.34 -9.80 19.15
CA ARG A 397 -0.76 -9.27 20.01
C ARG A 397 -0.68 -7.76 19.92
N LYS A 398 -1.73 -7.05 19.74
CA LYS A 398 -1.84 -5.60 19.57
C LYS A 398 -3.14 -5.08 20.12
N GLY A 399 -3.17 -4.01 20.90
CA GLY A 399 -4.36 -3.44 21.56
C GLY A 399 -4.15 -3.38 23.07
N THR A 400 -4.82 -2.43 23.71
CA THR A 400 -4.64 -2.27 25.16
C THR A 400 -4.82 -3.54 25.99
N ASP A 401 -4.05 -3.76 27.05
CA ASP A 401 -4.27 -5.00 27.89
C ASP A 401 -5.79 -5.00 28.12
N GLY A 402 -6.41 -6.15 28.00
CA GLY A 402 -7.88 -6.25 28.17
C GLY A 402 -8.72 -6.18 26.91
N SER A 403 -8.35 -5.47 25.85
CA SER A 403 -9.02 -5.33 24.56
C SER A 403 -8.21 -5.79 23.32
N GLN A 404 -7.21 -6.58 23.54
CA GLN A 404 -6.21 -7.02 22.65
C GLN A 404 -6.77 -8.11 21.70
N ILE A 405 -6.29 -7.92 20.47
CA ILE A 405 -6.51 -8.88 19.40
C ILE A 405 -5.29 -9.78 19.26
N VAL A 406 -5.48 -11.07 19.19
CA VAL A 406 -4.35 -11.98 19.01
C VAL A 406 -4.55 -12.72 17.69
N THR A 407 -3.58 -12.49 16.80
CA THR A 407 -3.74 -13.06 15.44
C THR A 407 -2.86 -14.27 15.34
N ILE A 408 -3.33 -15.37 14.82
CA ILE A 408 -2.51 -16.54 14.66
C ILE A 408 -2.41 -16.90 13.16
N LEU A 409 -1.22 -16.75 12.60
CA LEU A 409 -1.10 -16.96 11.13
C LEU A 409 -0.37 -18.27 10.82
N SER A 410 -0.65 -18.91 9.68
CA SER A 410 0.22 -20.12 9.54
C SER A 410 0.56 -20.34 8.04
N ASN A 411 1.66 -21.07 7.82
CA ASN A 411 2.01 -21.32 6.42
C ASN A 411 1.83 -22.76 6.03
N LYS A 412 1.09 -23.60 6.70
CA LYS A 412 0.79 -24.96 6.40
C LYS A 412 0.00 -25.05 5.14
N GLY A 413 -0.74 -24.06 4.70
CA GLY A 413 -1.45 -24.17 3.39
C GLY A 413 -2.82 -24.73 3.40
N ALA A 414 -3.45 -24.95 2.29
CA ALA A 414 -4.81 -25.36 2.20
C ALA A 414 -4.94 -26.79 2.64
N SER A 415 -3.85 -27.52 2.74
CA SER A 415 -4.06 -28.84 3.40
C SER A 415 -3.93 -28.36 4.86
N GLY A 416 -2.80 -28.70 5.36
CA GLY A 416 -2.53 -28.33 6.79
C GLY A 416 -3.56 -29.20 7.55
N ASP A 417 -2.97 -29.90 8.48
CA ASP A 417 -3.63 -30.87 9.39
C ASP A 417 -4.56 -30.13 10.31
N SER A 418 -5.37 -30.90 11.03
CA SER A 418 -6.31 -30.24 12.00
C SER A 418 -5.75 -30.70 13.32
N TYR A 419 -5.41 -29.89 14.26
CA TYR A 419 -4.81 -30.11 15.56
C TYR A 419 -5.12 -28.90 16.44
N THR A 420 -4.78 -29.06 17.71
CA THR A 420 -5.19 -27.92 18.59
C THR A 420 -3.91 -27.27 18.97
N LEU A 421 -3.75 -25.98 18.98
CA LEU A 421 -2.56 -25.23 19.39
C LEU A 421 -2.92 -24.68 20.76
N SER A 422 -2.08 -24.94 21.75
CA SER A 422 -2.34 -24.35 23.09
C SER A 422 -1.37 -23.17 23.08
N LEU A 423 -1.93 -22.02 22.85
CA LEU A 423 -1.23 -20.76 22.79
C LEU A 423 -1.14 -20.09 24.17
N SER A 424 0.12 -19.85 24.49
CA SER A 424 0.40 -19.20 25.78
C SER A 424 0.89 -17.80 25.37
N GLY A 425 0.68 -16.87 26.26
CA GLY A 425 1.14 -15.52 26.10
C GLY A 425 0.13 -14.56 25.54
N ALA A 426 -1.12 -14.89 25.61
CA ALA A 426 -2.18 -14.08 24.97
C ALA A 426 -2.55 -12.94 25.90
N GLY A 427 -2.56 -13.32 27.15
CA GLY A 427 -2.86 -12.38 28.25
C GLY A 427 -4.32 -12.05 28.42
N TYR A 428 -5.20 -13.01 28.25
CA TYR A 428 -6.67 -12.96 28.42
C TYR A 428 -6.92 -13.57 29.81
N THR A 429 -8.01 -13.22 30.51
CA THR A 429 -8.08 -13.86 31.85
C THR A 429 -8.59 -15.29 31.74
N ALA A 430 -8.46 -16.11 32.76
CA ALA A 430 -8.97 -17.53 32.76
C ALA A 430 -10.53 -17.67 32.68
N GLY A 431 -10.92 -18.70 31.93
CA GLY A 431 -12.41 -18.82 31.78
C GLY A 431 -12.96 -17.73 30.86
N GLN A 432 -12.17 -16.80 30.36
CA GLN A 432 -12.72 -15.76 29.42
C GLN A 432 -13.12 -16.30 28.05
N GLN A 433 -14.19 -15.89 27.45
CA GLN A 433 -14.78 -16.28 26.15
C GLN A 433 -14.24 -15.32 25.05
N LEU A 434 -13.67 -15.97 24.05
CA LEU A 434 -13.09 -15.27 22.91
C LEU A 434 -13.85 -15.72 21.64
N THR A 435 -13.96 -14.82 20.70
CA THR A 435 -14.57 -15.07 19.43
C THR A 435 -13.48 -15.15 18.34
N GLU A 436 -13.35 -16.18 17.53
CA GLU A 436 -12.40 -16.22 16.41
C GLU A 436 -13.23 -15.46 15.37
N VAL A 437 -12.98 -14.22 15.00
CA VAL A 437 -13.87 -13.39 14.20
C VAL A 437 -13.75 -13.60 12.67
N ILE A 438 -12.88 -14.50 12.25
CA ILE A 438 -12.71 -14.81 10.85
C ILE A 438 -13.83 -15.86 10.60
N GLY A 439 -13.68 -16.93 11.39
CA GLY A 439 -14.69 -18.00 11.22
C GLY A 439 -15.93 -17.92 12.15
N CYS A 440 -15.98 -16.86 13.01
CA CYS A 440 -17.09 -16.74 13.90
C CYS A 440 -17.41 -18.07 14.65
N THR A 441 -16.50 -18.53 15.42
CA THR A 441 -16.48 -19.65 16.34
C THR A 441 -16.07 -18.99 17.70
N THR A 442 -16.27 -19.66 18.85
CA THR A 442 -15.91 -19.10 20.15
C THR A 442 -14.91 -20.01 20.79
N VAL A 443 -14.00 -19.67 21.67
CA VAL A 443 -13.05 -20.54 22.34
C VAL A 443 -12.99 -19.91 23.74
N THR A 444 -12.70 -20.72 24.69
CA THR A 444 -12.56 -20.34 26.08
C THR A 444 -11.16 -20.58 26.64
N VAL A 445 -10.69 -19.52 27.18
CA VAL A 445 -9.41 -19.34 27.82
C VAL A 445 -9.34 -20.27 29.05
N GLY A 446 -8.39 -21.13 28.91
CA GLY A 446 -7.77 -22.19 29.59
C GLY A 446 -8.15 -22.33 31.05
N SER A 447 -7.48 -21.55 31.86
CA SER A 447 -7.69 -21.83 33.32
C SER A 447 -6.30 -21.43 33.85
N ASP A 448 -5.35 -21.75 32.96
CA ASP A 448 -3.93 -21.40 33.19
C ASP A 448 -3.57 -20.22 32.28
N GLY A 449 -4.63 -19.68 31.68
CA GLY A 449 -4.34 -18.60 30.72
C GLY A 449 -4.01 -19.19 29.32
N ASN A 450 -3.81 -20.44 29.03
CA ASN A 450 -3.59 -20.98 27.70
C ASN A 450 -4.90 -21.05 26.87
N VAL A 451 -4.95 -20.71 25.62
CA VAL A 451 -5.99 -20.74 24.61
C VAL A 451 -5.84 -21.94 23.64
N PRO A 452 -6.78 -22.83 23.74
CA PRO A 452 -6.81 -24.01 22.89
C PRO A 452 -7.33 -23.47 21.55
N VAL A 453 -6.39 -23.24 20.65
CA VAL A 453 -6.81 -22.68 19.36
C VAL A 453 -6.98 -23.82 18.35
N PRO A 454 -8.14 -23.88 17.74
CA PRO A 454 -8.47 -24.97 16.83
C PRO A 454 -7.91 -24.65 15.44
N MET A 455 -7.00 -25.41 14.84
CA MET A 455 -6.36 -25.11 13.54
C MET A 455 -6.70 -26.09 12.47
N ALA A 456 -6.81 -25.76 11.19
CA ALA A 456 -7.24 -26.57 10.08
C ALA A 456 -7.19 -25.81 8.73
N GLY A 457 -6.97 -26.54 7.64
CA GLY A 457 -6.95 -25.93 6.33
C GLY A 457 -5.93 -24.79 6.29
N GLY A 458 -4.90 -24.69 7.03
CA GLY A 458 -3.86 -23.67 7.10
C GLY A 458 -4.59 -22.32 7.30
N LEU A 459 -5.78 -22.18 7.86
CA LEU A 459 -6.51 -20.89 8.06
C LEU A 459 -6.00 -19.98 9.16
N PRO A 460 -5.99 -18.64 8.91
CA PRO A 460 -5.57 -17.59 9.93
C PRO A 460 -6.58 -17.54 11.03
N ARG A 461 -6.38 -17.29 12.28
CA ARG A 461 -7.38 -17.25 13.42
C ARG A 461 -7.26 -15.88 14.05
N VAL A 462 -8.21 -15.02 14.36
CA VAL A 462 -8.10 -13.66 14.89
C VAL A 462 -9.03 -13.64 16.17
N LEU A 463 -8.50 -13.59 17.35
CA LEU A 463 -9.27 -13.69 18.58
C LEU A 463 -9.62 -12.38 19.23
N TYR A 464 -10.76 -12.21 19.83
CA TYR A 464 -11.06 -10.91 20.51
C TYR A 464 -12.14 -11.19 21.61
N PRO A 465 -12.13 -10.48 22.69
CA PRO A 465 -13.05 -10.77 23.80
C PRO A 465 -14.49 -10.72 23.36
N THR A 466 -15.14 -11.86 23.52
CA THR A 466 -16.54 -11.91 23.13
C THR A 466 -17.36 -10.78 23.77
N GLU A 467 -17.16 -10.51 25.03
CA GLU A 467 -17.84 -9.51 25.78
C GLU A 467 -17.71 -8.22 25.01
N LYS A 468 -16.47 -7.88 24.64
CA LYS A 468 -16.29 -6.58 23.93
C LYS A 468 -16.98 -6.43 22.60
N LEU A 469 -17.48 -7.46 22.02
CA LEU A 469 -18.24 -7.35 20.74
C LEU A 469 -19.62 -7.01 21.26
N ALA A 470 -20.42 -6.02 20.98
CA ALA A 470 -21.62 -5.86 21.87
C ALA A 470 -22.82 -5.46 21.11
N GLY A 471 -22.65 -4.16 20.90
CA GLY A 471 -23.74 -3.55 20.01
C GLY A 471 -22.88 -3.67 18.73
N SER A 472 -22.39 -4.89 18.59
CA SER A 472 -21.45 -5.13 17.49
C SER A 472 -22.16 -6.06 16.53
N LYS A 473 -21.79 -5.80 15.30
CA LYS A 473 -22.34 -6.58 14.18
C LYS A 473 -21.33 -7.62 13.72
N ILE A 474 -20.19 -7.71 14.41
CA ILE A 474 -19.22 -8.66 13.84
C ILE A 474 -19.71 -10.04 13.63
N CYS A 475 -20.11 -10.85 14.57
CA CYS A 475 -20.50 -12.21 14.06
C CYS A 475 -21.92 -12.35 14.51
N SER A 476 -23.00 -12.30 13.73
CA SER A 476 -24.26 -12.37 14.56
C SER A 476 -24.95 -13.70 14.73
CA CA B . 17.26 12.62 -8.71
CA CA C . 8.38 3.96 -8.18
#